data_7EVR
#
_entry.id   7EVR
#
_cell.length_a   56.776
_cell.length_b   38.789
_cell.length_c   68.982
_cell.angle_alpha   90.000
_cell.angle_beta   100.310
_cell.angle_gamma   90.000
#
_symmetry.space_group_name_H-M   'P 1 21 1'
#
loop_
_entity.id
_entity.type
_entity.pdbx_description
1 polymer 'Heterogeneous nuclear ribonucleoprotein L'
2 polymer 'SHI domain from Histone-lysine N-methyltransferase SETD2'
3 water water
#
loop_
_entity_poly.entity_id
_entity_poly.type
_entity_poly.pdbx_seq_one_letter_code
_entity_poly.pdbx_strand_id
1 'polypeptide(L)'
;HHHHHHMDDSRSVNSVLLFTILNPIYSITTDVLYTICNPCGPVQRIVIFRKNGVQAMVEFDSVQSAQRAKASLNGADIYS
GCCTLKIEYAKPTRLNVFKNDQDTWDYTNPN
;
A,C
2 'polypeptide(L)' YPPGYPMQAYVDPSNPNAGKVLLPTP B,D
#
# COMPACT_ATOMS: atom_id res chain seq x y z
N SER A 12 6.36 -0.22 14.68
CA SER A 12 7.66 0.22 15.16
C SER A 12 8.27 1.25 14.20
N VAL A 13 8.19 2.53 14.59
CA VAL A 13 8.76 3.58 13.75
C VAL A 13 10.29 3.49 13.77
N ASN A 14 10.91 4.17 12.81
CA ASN A 14 12.34 4.03 12.54
C ASN A 14 12.77 5.24 11.72
N SER A 15 14.04 5.61 11.83
CA SER A 15 14.56 6.62 10.92
C SER A 15 15.02 6.03 9.61
N VAL A 16 15.02 4.69 9.48
CA VAL A 16 15.36 4.02 8.24
C VAL A 16 14.07 3.52 7.59
N LEU A 17 13.88 3.84 6.32
CA LEU A 17 12.73 3.41 5.54
C LEU A 17 13.16 2.39 4.51
N LEU A 18 12.25 1.47 4.17
CA LEU A 18 12.45 0.56 3.05
C LEU A 18 11.55 0.99 1.91
N PHE A 19 12.14 1.31 0.78
CA PHE A 19 11.41 1.61 -0.45
C PHE A 19 11.38 0.37 -1.33
N THR A 20 10.19 -0.13 -1.63
CA THR A 20 10.05 -1.15 -2.65
C THR A 20 9.51 -0.47 -3.90
N ILE A 21 10.23 -0.59 -5.01
CA ILE A 21 9.92 0.17 -6.22
C ILE A 21 9.22 -0.78 -7.18
N LEU A 22 7.90 -0.63 -7.29
CA LEU A 22 7.12 -1.49 -8.16
C LEU A 22 7.21 -1.01 -9.60
N ASN A 23 7.32 -1.97 -10.52
CA ASN A 23 7.48 -1.68 -11.94
C ASN A 23 8.68 -0.75 -12.17
N PRO A 24 9.90 -1.14 -11.76
CA PRO A 24 11.07 -0.24 -11.87
C PRO A 24 11.68 -0.16 -13.28
N ILE A 25 10.98 0.56 -14.14
CA ILE A 25 11.31 0.63 -15.57
C ILE A 25 12.60 1.42 -15.81
N TYR A 26 12.90 2.40 -14.97
CA TYR A 26 14.05 3.27 -15.16
C TYR A 26 15.09 2.97 -14.08
N SER A 27 16.33 3.36 -14.40
CA SER A 27 17.45 3.10 -13.51
C SER A 27 17.27 3.83 -12.17
N ILE A 28 17.39 3.08 -11.08
CA ILE A 28 17.27 3.62 -9.74
C ILE A 28 18.68 3.70 -9.16
N THR A 29 19.16 4.92 -8.91
CA THR A 29 20.50 5.16 -8.38
C THR A 29 20.41 5.97 -7.08
N THR A 30 21.53 6.04 -6.37
CA THR A 30 21.57 6.88 -5.17
C THR A 30 21.26 8.33 -5.53
N ASP A 31 21.66 8.80 -6.71
CA ASP A 31 21.38 10.18 -7.09
C ASP A 31 19.89 10.41 -7.27
N VAL A 32 19.19 9.44 -7.88
CA VAL A 32 17.74 9.58 -8.03
C VAL A 32 17.06 9.58 -6.68
N LEU A 33 17.42 8.63 -5.82
CA LEU A 33 16.77 8.51 -4.51
C LEU A 33 17.10 9.70 -3.62
N TYR A 34 18.36 10.18 -3.64
CA TYR A 34 18.69 11.39 -2.88
C TYR A 34 17.87 12.56 -3.36
N THR A 35 17.73 12.71 -4.68
CA THR A 35 17.00 13.84 -5.23
C THR A 35 15.54 13.87 -4.74
N ILE A 36 14.87 12.71 -4.74
CA ILE A 36 13.46 12.73 -4.35
C ILE A 36 13.27 12.70 -2.84
N CYS A 37 14.23 12.20 -2.08
CA CYS A 37 14.05 12.03 -0.64
C CYS A 37 14.55 13.21 0.19
N ASN A 38 15.65 13.83 -0.18
CA ASN A 38 16.20 14.88 0.68
C ASN A 38 15.25 16.07 0.86
N PRO A 39 14.43 16.47 -0.12
CA PRO A 39 13.43 17.52 0.18
C PRO A 39 12.42 17.11 1.21
N CYS A 40 12.16 15.81 1.38
CA CYS A 40 11.29 15.34 2.45
C CYS A 40 11.96 15.48 3.80
N GLY A 41 13.23 15.08 3.89
CA GLY A 41 13.97 15.19 5.12
C GLY A 41 15.42 14.84 4.86
N PRO A 42 16.33 15.34 5.69
CA PRO A 42 17.76 15.12 5.42
C PRO A 42 18.11 13.64 5.39
N VAL A 43 18.75 13.22 4.31
CA VAL A 43 19.14 11.83 4.10
C VAL A 43 20.57 11.62 4.59
N GLN A 44 20.79 10.56 5.36
CA GLN A 44 22.14 10.23 5.80
C GLN A 44 22.80 9.14 4.96
N ARG A 45 22.06 8.07 4.63
CA ARG A 45 22.64 6.94 3.92
C ARG A 45 21.59 6.29 3.03
N ILE A 46 22.04 5.71 1.92
CA ILE A 46 21.19 4.98 0.97
C ILE A 46 21.88 3.66 0.59
N VAL A 47 21.09 2.58 0.54
CA VAL A 47 21.55 1.26 0.06
C VAL A 47 20.49 0.72 -0.89
N ILE A 48 20.89 0.39 -2.12
CA ILE A 48 19.97 -0.12 -3.14
C ILE A 48 20.25 -1.60 -3.37
N PHE A 49 19.18 -2.40 -3.33
CA PHE A 49 19.24 -3.84 -3.61
C PHE A 49 18.58 -4.10 -4.95
N ARG A 50 19.27 -4.83 -5.82
CA ARG A 50 18.84 -4.99 -7.21
C ARG A 50 18.62 -6.45 -7.60
N LYS A 51 18.56 -7.35 -6.63
CA LYS A 51 18.56 -8.77 -6.98
C LYS A 51 17.22 -9.24 -7.53
N ASN A 52 16.13 -8.86 -6.88
CA ASN A 52 14.80 -9.34 -7.26
C ASN A 52 13.88 -8.13 -7.27
N GLY A 53 13.87 -7.41 -8.38
CA GLY A 53 13.28 -6.08 -8.42
C GLY A 53 14.27 -5.06 -7.87
N VAL A 54 13.72 -3.94 -7.38
CA VAL A 54 14.53 -2.90 -6.76
C VAL A 54 13.92 -2.55 -5.42
N GLN A 55 14.69 -2.71 -4.35
CA GLN A 55 14.32 -2.19 -3.05
C GLN A 55 15.48 -1.34 -2.55
N ALA A 56 15.17 -0.29 -1.80
CA ALA A 56 16.23 0.54 -1.27
C ALA A 56 15.93 0.88 0.17
N MET A 57 16.98 1.00 0.97
CA MET A 57 16.87 1.52 2.32
C MET A 57 17.41 2.94 2.32
N VAL A 58 16.67 3.85 2.95
CA VAL A 58 17.04 5.24 3.04
C VAL A 58 17.01 5.61 4.51
N GLU A 59 18.14 6.06 5.04
CA GLU A 59 18.26 6.41 6.44
C GLU A 59 18.24 7.93 6.56
N PHE A 60 17.31 8.45 7.36
CA PHE A 60 17.15 9.89 7.54
C PHE A 60 17.78 10.34 8.85
N ASP A 61 17.84 11.67 9.05
CA ASP A 61 18.45 12.19 10.26
C ASP A 61 17.59 11.87 11.49
N SER A 62 16.29 11.68 11.31
CA SER A 62 15.40 11.50 12.45
C SER A 62 14.16 10.73 12.01
N VAL A 63 13.41 10.25 13.01
CA VAL A 63 12.12 9.62 12.75
C VAL A 63 11.16 10.62 12.10
N GLN A 64 11.19 11.88 12.56
CA GLN A 64 10.27 12.86 12.01
C GLN A 64 10.48 13.06 10.51
N SER A 65 11.75 13.13 10.08
CA SER A 65 12.05 13.22 8.65
C SER A 65 11.58 11.98 7.89
N ALA A 66 11.86 10.79 8.44
CA ALA A 66 11.39 9.56 7.80
C ALA A 66 9.87 9.56 7.66
N GLN A 67 9.16 10.00 8.70
CA GLN A 67 7.71 10.01 8.60
C GLN A 67 7.23 11.03 7.57
N ARG A 68 7.95 12.15 7.42
CA ARG A 68 7.60 13.12 6.38
C ARG A 68 7.85 12.53 4.99
N ALA A 69 8.96 11.80 4.83
CA ALA A 69 9.20 11.14 3.56
C ALA A 69 8.13 10.10 3.27
N LYS A 70 7.77 9.28 4.26
CA LYS A 70 6.77 8.24 4.04
C LYS A 70 5.41 8.87 3.70
N ALA A 71 5.02 9.90 4.45
CA ALA A 71 3.71 10.52 4.19
C ALA A 71 3.68 11.16 2.81
N SER A 72 4.79 11.78 2.39
CA SER A 72 4.83 12.52 1.14
C SER A 72 4.97 11.62 -0.09
N LEU A 73 5.63 10.47 0.03
CA LEU A 73 6.01 9.69 -1.15
C LEU A 73 5.31 8.34 -1.29
N ASN A 74 4.69 7.82 -0.23
CA ASN A 74 4.13 6.47 -0.27
C ASN A 74 3.00 6.41 -1.30
N GLY A 75 3.15 5.50 -2.27
CA GLY A 75 2.18 5.39 -3.36
C GLY A 75 2.38 6.34 -4.52
N ALA A 76 3.32 7.28 -4.43
CA ALA A 76 3.66 8.10 -5.58
C ALA A 76 4.49 7.29 -6.60
N ASP A 77 4.55 7.80 -7.82
CA ASP A 77 5.43 7.27 -8.86
C ASP A 77 6.66 8.16 -8.99
N ILE A 78 7.85 7.56 -9.03
CA ILE A 78 9.04 8.38 -9.28
C ILE A 78 8.93 9.04 -10.64
N TYR A 79 8.54 8.27 -11.64
CA TYR A 79 8.33 8.73 -13.00
C TYR A 79 6.93 8.33 -13.41
N SER A 80 6.36 9.07 -14.35
CA SER A 80 4.96 8.87 -14.69
C SER A 80 4.69 7.44 -15.14
N GLY A 81 3.70 6.81 -14.50
CA GLY A 81 3.21 5.52 -14.94
C GLY A 81 4.03 4.32 -14.50
N CYS A 82 5.03 4.51 -13.64
CA CYS A 82 5.90 3.41 -13.24
C CYS A 82 6.63 3.79 -11.97
N CYS A 83 7.48 2.89 -11.49
CA CYS A 83 8.29 3.13 -10.29
C CYS A 83 7.41 3.59 -9.11
N THR A 84 6.37 2.81 -8.84
CA THR A 84 5.43 3.12 -7.77
C THR A 84 6.06 2.75 -6.42
N LEU A 85 5.98 3.67 -5.45
CA LEU A 85 6.69 3.50 -4.19
C LEU A 85 5.79 2.83 -3.15
N LYS A 86 6.25 1.71 -2.62
CA LYS A 86 5.73 1.14 -1.37
C LYS A 86 6.76 1.40 -0.28
N ILE A 87 6.36 2.11 0.78
CA ILE A 87 7.31 2.56 1.80
C ILE A 87 6.88 2.02 3.15
N GLU A 88 7.82 1.36 3.84
CA GLU A 88 7.62 0.82 5.17
C GLU A 88 8.85 1.12 6.01
N TYR A 89 8.71 0.97 7.33
CA TYR A 89 9.88 1.11 8.19
C TYR A 89 10.76 -0.11 8.04
N ALA A 90 12.07 0.12 7.93
CA ALA A 90 12.99 -1.00 7.76
C ALA A 90 13.27 -1.65 9.11
N LYS A 91 13.85 -2.85 9.05
CA LYS A 91 14.25 -3.60 10.25
C LYS A 91 15.51 -3.00 10.90
N PRO A 92 16.61 -2.79 10.18
CA PRO A 92 17.78 -2.14 10.81
C PRO A 92 17.47 -0.71 11.21
N THR A 93 18.03 -0.29 12.34
CA THR A 93 17.88 1.07 12.82
C THR A 93 18.99 1.99 12.36
N ARG A 94 20.01 1.46 11.70
CA ARG A 94 21.02 2.26 11.02
C ARG A 94 21.56 1.45 9.87
N LEU A 95 22.04 2.14 8.84
CA LEU A 95 22.65 1.49 7.69
C LEU A 95 24.17 1.51 7.83
N ASN A 96 24.80 0.43 7.37
CA ASN A 96 26.25 0.33 7.27
C ASN A 96 26.65 0.47 5.81
N VAL A 97 27.41 1.52 5.49
CA VAL A 97 27.87 1.80 4.13
C VAL A 97 29.39 1.90 4.17
N PHE A 98 30.09 1.25 3.22
CA PHE A 98 31.54 1.34 3.15
C PHE A 98 32.07 1.94 1.87
N LYS A 99 31.20 2.31 0.92
CA LYS A 99 31.63 2.89 -0.34
C LYS A 99 30.54 3.82 -0.84
N ASN A 100 30.94 4.82 -1.64
CA ASN A 100 30.00 5.79 -2.19
C ASN A 100 29.97 5.63 -3.71
N ASP A 101 28.84 5.17 -4.24
CA ASP A 101 28.70 5.01 -5.68
C ASP A 101 27.21 5.05 -6.03
N GLN A 102 26.84 4.49 -7.18
CA GLN A 102 25.44 4.55 -7.61
C GLN A 102 24.52 3.62 -6.83
N ASP A 103 25.07 2.71 -6.03
CA ASP A 103 24.32 1.71 -5.29
C ASP A 103 24.23 2.02 -3.81
N THR A 104 25.29 2.56 -3.21
CA THR A 104 25.31 2.91 -1.80
C THR A 104 25.97 4.27 -1.64
N TRP A 105 25.55 5.01 -0.62
CA TRP A 105 26.14 6.33 -0.37
C TRP A 105 25.96 6.70 1.09
N ASP A 106 26.98 7.34 1.67
CA ASP A 106 26.92 7.87 3.02
C ASP A 106 27.24 9.36 2.92
N TYR A 107 26.20 10.19 3.04
CA TYR A 107 26.36 11.64 2.92
C TYR A 107 27.03 12.24 4.13
N THR A 108 27.31 11.45 5.16
CA THR A 108 28.09 11.89 6.31
C THR A 108 29.47 11.25 6.35
N ASN A 109 29.92 10.65 5.25
CA ASN A 109 31.25 10.03 5.20
C ASN A 109 31.78 10.03 3.78
N PRO A 110 32.25 11.19 3.29
CA PRO A 110 32.99 11.19 2.03
C PRO A 110 34.24 10.33 2.17
N ASN A 111 34.51 9.52 1.16
CA ASN A 111 35.66 8.62 1.25
C ASN A 111 36.81 9.12 0.38
N TYR B 1 15.65 21.23 -8.27
CA TYR B 1 14.61 20.24 -8.57
C TYR B 1 13.93 20.66 -9.87
N PRO B 2 13.59 19.70 -10.73
CA PRO B 2 12.96 20.05 -12.01
C PRO B 2 11.73 20.89 -11.81
N PRO B 3 11.64 22.03 -12.49
CA PRO B 3 10.46 22.91 -12.35
C PRO B 3 9.15 22.17 -12.60
N GLY B 4 8.18 22.43 -11.72
CA GLY B 4 6.85 21.83 -11.83
C GLY B 4 6.68 20.52 -11.09
N TYR B 5 7.76 19.97 -10.54
CA TYR B 5 7.75 18.67 -9.90
C TYR B 5 8.09 18.81 -8.41
N PRO B 6 7.57 17.90 -7.55
CA PRO B 6 6.60 16.83 -7.86
C PRO B 6 5.31 17.37 -8.45
N MET B 7 4.74 16.62 -9.39
CA MET B 7 3.61 17.07 -10.17
C MET B 7 2.40 16.23 -9.80
N GLN B 8 1.26 16.89 -9.57
CA GLN B 8 0.02 16.22 -9.20
C GLN B 8 -0.83 16.12 -10.47
N ALA B 9 -0.79 14.96 -11.14
CA ALA B 9 -1.53 14.75 -12.37
C ALA B 9 -3.02 14.91 -12.14
N TYR B 10 -3.54 14.31 -11.07
CA TYR B 10 -4.92 14.46 -10.67
C TYR B 10 -4.96 14.27 -9.16
N VAL B 11 -6.06 14.68 -8.55
CA VAL B 11 -6.26 14.56 -7.11
C VAL B 11 -7.33 13.50 -6.86
N ASP B 12 -6.94 12.44 -6.18
CA ASP B 12 -7.83 11.35 -5.79
C ASP B 12 -8.24 11.58 -4.36
N PRO B 13 -9.54 11.78 -4.07
CA PRO B 13 -9.95 12.00 -2.67
C PRO B 13 -9.64 10.83 -1.76
N SER B 14 -9.45 9.63 -2.29
CA SER B 14 -9.18 8.45 -1.46
C SER B 14 -7.71 8.28 -1.12
N ASN B 15 -6.82 9.04 -1.75
CA ASN B 15 -5.40 8.70 -1.73
C ASN B 15 -4.57 9.89 -2.18
N PRO B 16 -3.99 10.65 -1.25
CA PRO B 16 -3.34 11.92 -1.63
C PRO B 16 -2.14 11.76 -2.55
N ASN B 17 -1.50 10.60 -2.60
CA ASN B 17 -0.32 10.46 -3.43
C ASN B 17 -0.60 9.77 -4.75
N ALA B 18 -1.81 9.28 -4.96
CA ALA B 18 -2.19 8.80 -6.27
C ALA B 18 -2.14 9.95 -7.27
N GLY B 19 -1.54 9.70 -8.44
CA GLY B 19 -1.38 10.73 -9.43
C GLY B 19 -0.19 11.63 -9.22
N LYS B 20 0.56 11.45 -8.12
CA LYS B 20 1.73 12.26 -7.86
C LYS B 20 2.93 11.67 -8.58
N VAL B 21 3.63 12.50 -9.33
CA VAL B 21 4.78 12.10 -10.14
C VAL B 21 5.98 12.91 -9.64
N LEU B 22 7.00 12.21 -9.17
CA LEU B 22 8.07 12.91 -8.46
C LEU B 22 9.05 13.62 -9.39
N LEU B 23 9.28 13.08 -10.58
CA LEU B 23 10.29 13.61 -11.49
C LEU B 23 9.84 13.48 -12.94
N PRO B 24 10.31 14.35 -13.81
CA PRO B 24 10.05 14.17 -15.24
C PRO B 24 10.81 12.96 -15.77
N THR B 25 10.34 12.44 -16.88
CA THR B 25 10.80 11.15 -17.37
C THR B 25 12.16 11.31 -18.04
N PRO B 26 13.15 10.46 -17.70
CA PRO B 26 14.50 10.55 -18.26
C PRO B 26 14.51 10.38 -19.77
N SER C 12 -17.64 -11.38 19.17
CA SER C 12 -18.21 -12.64 18.69
C SER C 12 -18.60 -12.53 17.22
N VAL C 13 -19.05 -13.65 16.64
CA VAL C 13 -19.33 -13.68 15.21
C VAL C 13 -20.44 -12.68 14.86
N ASN C 14 -20.40 -12.20 13.63
CA ASN C 14 -21.29 -11.14 13.15
C ASN C 14 -21.34 -11.22 11.64
N SER C 15 -22.42 -10.69 11.07
CA SER C 15 -22.52 -10.63 9.62
C SER C 15 -21.80 -9.42 9.02
N VAL C 16 -21.21 -8.56 9.85
CA VAL C 16 -20.44 -7.42 9.40
C VAL C 16 -18.98 -7.63 9.77
N LEU C 17 -18.09 -7.44 8.80
CA LEU C 17 -16.66 -7.55 9.02
C LEU C 17 -16.02 -6.18 9.04
N LEU C 18 -14.93 -6.07 9.80
CA LEU C 18 -14.10 -4.88 9.85
C LEU C 18 -12.80 -5.20 9.13
N PHE C 19 -12.51 -4.47 8.06
CA PHE C 19 -11.27 -4.60 7.30
C PHE C 19 -10.32 -3.50 7.69
N THR C 20 -9.05 -3.85 7.87
CA THR C 20 -7.96 -2.89 7.95
C THR C 20 -6.99 -3.26 6.84
N ILE C 21 -6.65 -2.29 6.00
CA ILE C 21 -5.82 -2.51 4.82
C ILE C 21 -4.42 -2.01 5.15
N LEU C 22 -3.46 -2.92 5.25
CA LEU C 22 -2.07 -2.54 5.53
C LEU C 22 -1.34 -2.22 4.23
N ASN C 23 -0.43 -1.25 4.29
CA ASN C 23 0.25 -0.75 3.09
C ASN C 23 -0.73 -0.41 1.97
N PRO C 24 -1.73 0.46 2.22
CA PRO C 24 -2.77 0.74 1.21
C PRO C 24 -2.32 1.80 0.20
N ILE C 25 -1.40 1.41 -0.68
CA ILE C 25 -0.84 2.39 -1.60
C ILE C 25 -1.68 2.59 -2.86
N TYR C 26 -2.66 1.72 -3.11
CA TYR C 26 -3.67 1.97 -4.13
C TYR C 26 -4.98 2.33 -3.45
N SER C 27 -5.82 3.07 -4.17
CA SER C 27 -7.07 3.54 -3.60
C SER C 27 -8.01 2.37 -3.31
N ILE C 28 -8.56 2.34 -2.11
CA ILE C 28 -9.51 1.30 -1.70
C ILE C 28 -10.90 1.91 -1.79
N THR C 29 -11.72 1.37 -2.70
CA THR C 29 -13.04 1.93 -2.99
C THR C 29 -14.07 0.81 -2.89
N THR C 30 -15.35 1.20 -2.89
CA THR C 30 -16.41 0.23 -2.68
C THR C 30 -16.38 -0.87 -3.73
N ASP C 31 -16.08 -0.52 -4.99
CA ASP C 31 -16.08 -1.54 -6.04
C ASP C 31 -15.01 -2.59 -5.81
N VAL C 32 -13.83 -2.17 -5.34
CA VAL C 32 -12.74 -3.11 -5.07
C VAL C 32 -13.14 -4.08 -3.97
N LEU C 33 -13.68 -3.55 -2.87
CA LEU C 33 -14.04 -4.43 -1.76
C LEU C 33 -15.23 -5.32 -2.13
N TYR C 34 -16.16 -4.80 -2.92
CA TYR C 34 -17.27 -5.64 -3.38
C TYR C 34 -16.79 -6.78 -4.25
N THR C 35 -15.89 -6.49 -5.18
CA THR C 35 -15.40 -7.53 -6.09
C THR C 35 -14.73 -8.67 -5.33
N ILE C 36 -13.93 -8.36 -4.31
CA ILE C 36 -13.25 -9.44 -3.60
C ILE C 36 -14.13 -10.13 -2.56
N CYS C 37 -15.18 -9.48 -2.05
CA CYS C 37 -16.00 -10.03 -0.97
C CYS C 37 -17.26 -10.74 -1.46
N ASN C 38 -17.92 -10.19 -2.47
CA ASN C 38 -19.20 -10.76 -2.90
C ASN C 38 -19.12 -12.22 -3.36
N PRO C 39 -18.01 -12.73 -3.92
CA PRO C 39 -17.94 -14.16 -4.23
C PRO C 39 -18.03 -15.05 -3.01
N CYS C 40 -17.72 -14.52 -1.82
CA CYS C 40 -17.79 -15.30 -0.60
C CYS C 40 -19.20 -15.40 -0.06
N GLY C 41 -20.07 -14.44 -0.41
CA GLY C 41 -21.43 -14.40 0.05
C GLY C 41 -21.98 -13.01 -0.24
N PRO C 42 -23.31 -12.89 -0.33
CA PRO C 42 -23.91 -11.64 -0.82
C PRO C 42 -23.62 -10.44 0.09
N VAL C 43 -22.94 -9.46 -0.46
CA VAL C 43 -22.63 -8.24 0.26
C VAL C 43 -23.83 -7.30 0.16
N GLN C 44 -24.28 -6.80 1.31
CA GLN C 44 -25.42 -5.88 1.38
C GLN C 44 -24.97 -4.42 1.32
N ARG C 45 -23.95 -4.06 2.09
CA ARG C 45 -23.52 -2.67 2.21
C ARG C 45 -22.03 -2.64 2.52
N ILE C 46 -21.37 -1.55 2.10
CA ILE C 46 -19.97 -1.31 2.38
C ILE C 46 -19.82 0.14 2.81
N VAL C 47 -19.04 0.37 3.86
CA VAL C 47 -18.66 1.72 4.31
C VAL C 47 -17.16 1.74 4.50
N ILE C 48 -16.50 2.75 3.94
CA ILE C 48 -15.05 2.86 4.01
C ILE C 48 -14.69 4.08 4.85
N PHE C 49 -13.76 3.89 5.79
CA PHE C 49 -13.31 4.91 6.73
C PHE C 49 -11.85 5.22 6.45
N ARG C 50 -11.52 6.51 6.30
CA ARG C 50 -10.20 6.88 5.82
C ARG C 50 -9.43 7.75 6.80
N LYS C 51 -9.98 8.03 7.98
CA LYS C 51 -9.36 8.99 8.89
C LYS C 51 -8.19 8.40 9.65
N ASN C 52 -8.19 7.09 9.92
CA ASN C 52 -7.14 6.42 10.69
C ASN C 52 -6.59 5.26 9.85
N GLY C 53 -5.78 5.60 8.85
CA GLY C 53 -5.43 4.59 7.86
C GLY C 53 -6.61 4.33 6.94
N VAL C 54 -6.69 3.12 6.42
CA VAL C 54 -7.77 2.73 5.52
C VAL C 54 -8.46 1.51 6.14
N GLN C 55 -9.71 1.69 6.53
CA GLN C 55 -10.51 0.60 7.09
C GLN C 55 -11.86 0.58 6.41
N ALA C 56 -12.58 -0.54 6.56
CA ALA C 56 -13.91 -0.59 5.99
C ALA C 56 -14.74 -1.61 6.74
N MET C 57 -16.05 -1.39 6.74
CA MET C 57 -16.98 -2.40 7.21
C MET C 57 -17.78 -2.93 6.04
N VAL C 58 -17.96 -4.25 6.01
CA VAL C 58 -18.67 -4.93 4.94
C VAL C 58 -19.75 -5.77 5.59
N GLU C 59 -21.00 -5.48 5.27
CA GLU C 59 -22.15 -6.19 5.82
C GLU C 59 -22.56 -7.26 4.82
N PHE C 60 -22.50 -8.51 5.25
CA PHE C 60 -22.95 -9.64 4.45
C PHE C 60 -24.39 -9.99 4.81
N ASP C 61 -24.98 -10.87 3.98
CA ASP C 61 -26.36 -11.30 4.25
C ASP C 61 -26.45 -12.16 5.52
N SER C 62 -25.38 -12.89 5.85
CA SER C 62 -25.45 -13.82 6.97
C SER C 62 -24.09 -13.92 7.66
N VAL C 63 -24.12 -14.46 8.89
CA VAL C 63 -22.90 -14.83 9.60
C VAL C 63 -22.04 -15.78 8.75
N GLN C 64 -22.67 -16.76 8.10
CA GLN C 64 -21.92 -17.76 7.36
C GLN C 64 -21.19 -17.15 6.18
N SER C 65 -21.81 -16.17 5.51
CA SER C 65 -21.11 -15.48 4.43
C SER C 65 -19.93 -14.68 4.97
N ALA C 66 -20.12 -13.96 6.07
CA ALA C 66 -19.02 -13.22 6.69
C ALA C 66 -17.90 -14.16 7.13
N GLN C 67 -18.24 -15.33 7.65
CA GLN C 67 -17.22 -16.28 8.07
C GLN C 67 -16.43 -16.80 6.87
N ARG C 68 -17.10 -17.08 5.76
CA ARG C 68 -16.40 -17.55 4.57
C ARG C 68 -15.45 -16.48 4.04
N ALA C 69 -15.88 -15.22 4.05
CA ALA C 69 -15.03 -14.13 3.60
C ALA C 69 -13.83 -13.96 4.52
N LYS C 70 -14.04 -14.04 5.83
CA LYS C 70 -12.93 -13.89 6.75
C LYS C 70 -11.92 -15.02 6.59
N ALA C 71 -12.41 -16.24 6.40
CA ALA C 71 -11.47 -17.37 6.26
C ALA C 71 -10.68 -17.28 4.95
N SER C 72 -11.34 -16.81 3.89
CA SER C 72 -10.74 -16.80 2.57
CA SER C 72 -10.74 -16.80 2.57
C SER C 72 -9.82 -15.61 2.35
N LEU C 73 -10.11 -14.47 2.98
CA LEU C 73 -9.42 -13.22 2.69
C LEU C 73 -8.44 -12.75 3.74
N ASN C 74 -8.56 -13.17 5.00
CA ASN C 74 -7.74 -12.60 6.05
C ASN C 74 -6.27 -12.97 5.84
N GLY C 75 -5.41 -11.96 5.76
CA GLY C 75 -4.00 -12.19 5.46
C GLY C 75 -3.63 -12.16 3.99
N ALA C 76 -4.62 -12.08 3.10
CA ALA C 76 -4.32 -11.97 1.67
C ALA C 76 -3.96 -10.53 1.31
N ASP C 77 -3.32 -10.36 0.15
CA ASP C 77 -3.03 -9.05 -0.42
C ASP C 77 -4.03 -8.76 -1.52
N ILE C 78 -4.60 -7.55 -1.53
CA ILE C 78 -5.53 -7.22 -2.61
C ILE C 78 -4.79 -7.18 -3.93
N TYR C 79 -3.60 -6.60 -3.94
CA TYR C 79 -2.77 -6.47 -5.12
C TYR C 79 -1.38 -6.98 -4.79
N SER C 80 -0.62 -7.28 -5.83
CA SER C 80 0.72 -7.83 -5.64
C SER C 80 1.55 -6.89 -4.77
N GLY C 81 2.04 -7.41 -3.65
CA GLY C 81 2.98 -6.70 -2.82
C GLY C 81 2.42 -5.60 -1.95
N CYS C 82 1.11 -5.48 -1.79
CA CYS C 82 0.58 -4.38 -0.99
C CYS C 82 -0.89 -4.67 -0.65
N CYS C 83 -1.49 -3.76 0.13
CA CYS C 83 -2.90 -3.86 0.51
C CYS C 83 -3.21 -5.19 1.19
N THR C 84 -2.47 -5.50 2.26
CA THR C 84 -2.68 -6.73 3.01
C THR C 84 -3.89 -6.57 3.92
N LEU C 85 -4.75 -7.59 3.94
CA LEU C 85 -6.00 -7.50 4.66
C LEU C 85 -5.85 -8.03 6.08
N LYS C 86 -6.34 -7.26 7.04
CA LYS C 86 -6.52 -7.69 8.42
C LYS C 86 -8.01 -7.62 8.73
N ILE C 87 -8.62 -8.75 9.05
CA ILE C 87 -10.08 -8.85 9.12
C ILE C 87 -10.48 -9.34 10.51
N GLU C 88 -11.48 -8.67 11.09
CA GLU C 88 -12.09 -9.09 12.33
C GLU C 88 -13.59 -8.86 12.22
N TYR C 89 -14.35 -9.38 13.18
CA TYR C 89 -15.78 -9.09 13.19
C TYR C 89 -16.01 -7.68 13.69
N ALA C 90 -16.94 -6.99 13.05
CA ALA C 90 -17.23 -5.60 13.41
C ALA C 90 -18.28 -5.56 14.51
N LYS C 91 -18.34 -4.42 15.19
CA LYS C 91 -19.27 -4.25 16.31
C LYS C 91 -20.71 -3.96 15.85
N PRO C 92 -20.94 -3.06 14.89
CA PRO C 92 -22.32 -2.80 14.47
C PRO C 92 -22.97 -4.06 13.91
N THR C 93 -24.28 -4.19 14.16
CA THR C 93 -25.02 -5.33 13.63
C THR C 93 -25.46 -5.11 12.20
N ARG C 94 -25.43 -3.87 11.72
CA ARG C 94 -25.69 -3.56 10.32
C ARG C 94 -25.14 -2.18 10.02
N LEU C 95 -25.11 -1.86 8.73
CA LEU C 95 -24.62 -0.58 8.25
C LEU C 95 -25.77 0.23 7.67
N ASN C 96 -25.59 1.55 7.64
CA ASN C 96 -26.56 2.44 7.02
C ASN C 96 -25.87 3.28 5.97
N VAL C 97 -26.41 3.25 4.75
CA VAL C 97 -25.80 3.90 3.59
C VAL C 97 -26.85 4.80 2.95
N PHE C 98 -26.46 6.05 2.66
CA PHE C 98 -27.39 7.03 2.13
C PHE C 98 -27.04 7.50 0.73
N LYS C 99 -25.85 7.16 0.21
CA LYS C 99 -25.53 7.42 -1.18
C LYS C 99 -24.57 6.35 -1.67
N ASN C 100 -24.56 6.14 -2.97
CA ASN C 100 -23.71 5.13 -3.59
C ASN C 100 -22.55 5.84 -4.28
N ASP C 101 -21.35 5.70 -3.75
CA ASP C 101 -20.19 6.31 -4.38
C ASP C 101 -18.97 5.46 -4.03
N GLN C 102 -17.77 6.06 -4.13
CA GLN C 102 -16.56 5.28 -3.90
C GLN C 102 -16.32 4.97 -2.42
N ASP C 103 -17.03 5.66 -1.52
CA ASP C 103 -16.86 5.50 -0.09
C ASP C 103 -17.93 4.62 0.56
N THR C 104 -19.18 4.70 0.10
CA THR C 104 -20.26 3.93 0.69
C THR C 104 -21.15 3.40 -0.42
N TRP C 105 -21.72 2.21 -0.20
CA TRP C 105 -22.59 1.63 -1.23
C TRP C 105 -23.56 0.68 -0.58
N ASP C 106 -24.81 0.71 -1.08
CA ASP C 106 -25.85 -0.21 -0.71
C ASP C 106 -26.24 -0.98 -1.96
N TYR C 107 -26.08 -2.31 -1.92
CA TYR C 107 -26.26 -3.16 -3.09
C TYR C 107 -27.67 -3.70 -3.20
N THR C 108 -28.59 -3.23 -2.36
CA THR C 108 -29.96 -3.74 -2.30
C THR C 108 -30.94 -2.74 -2.92
N ASN C 109 -32.05 -3.27 -3.40
CA ASN C 109 -33.08 -2.46 -4.04
C ASN C 109 -33.57 -1.38 -3.09
N PRO C 110 -33.57 -0.10 -3.49
CA PRO C 110 -34.04 1.00 -2.64
C PRO C 110 -35.54 1.24 -2.77
N TYR D 1 -15.42 -12.61 -12.05
CA TYR D 1 -14.18 -12.25 -11.36
C TYR D 1 -13.06 -12.10 -12.39
N PRO D 2 -12.10 -11.21 -12.13
CA PRO D 2 -10.97 -11.03 -13.05
C PRO D 2 -10.32 -12.36 -13.38
N PRO D 3 -10.15 -12.67 -14.67
CA PRO D 3 -9.59 -13.96 -15.06
C PRO D 3 -8.18 -14.14 -14.54
N GLY D 4 -7.88 -15.36 -14.09
CA GLY D 4 -6.56 -15.65 -13.58
C GLY D 4 -6.34 -15.33 -12.11
N TYR D 5 -7.35 -14.80 -11.42
CA TYR D 5 -7.22 -14.40 -10.03
C TYR D 5 -8.30 -15.06 -9.19
N PRO D 6 -8.06 -15.24 -7.87
CA PRO D 6 -6.83 -14.87 -7.16
C PRO D 6 -5.66 -15.75 -7.55
N MET D 7 -4.45 -15.26 -7.34
CA MET D 7 -3.22 -15.98 -7.64
C MET D 7 -2.53 -16.39 -6.35
N GLN D 8 -2.21 -17.68 -6.22
CA GLN D 8 -1.43 -18.13 -5.07
C GLN D 8 -0.67 -19.39 -5.40
N ALA D 9 0.48 -19.26 -6.06
CA ALA D 9 1.21 -20.44 -6.46
C ALA D 9 1.85 -21.15 -5.27
N TYR D 10 2.17 -20.43 -4.20
CA TYR D 10 2.83 -21.01 -3.03
C TYR D 10 1.95 -20.83 -1.81
N VAL D 11 1.76 -21.92 -1.06
CA VAL D 11 0.89 -21.93 0.12
C VAL D 11 1.66 -22.48 1.30
N ASP D 12 1.77 -21.69 2.37
CA ASP D 12 2.20 -22.17 3.67
C ASP D 12 0.94 -22.59 4.40
N PRO D 13 0.73 -23.88 4.70
CA PRO D 13 -0.52 -24.27 5.35
C PRO D 13 -0.66 -23.73 6.77
N SER D 14 0.42 -23.32 7.42
CA SER D 14 0.29 -22.69 8.73
C SER D 14 -0.06 -21.20 8.62
N ASN D 15 -0.03 -20.64 7.40
CA ASN D 15 -0.39 -19.24 7.16
C ASN D 15 -1.05 -19.19 5.79
N PRO D 16 -2.24 -19.81 5.66
CA PRO D 16 -2.71 -20.26 4.34
C PRO D 16 -3.07 -19.16 3.35
N ASN D 17 -3.31 -17.92 3.77
CA ASN D 17 -3.63 -16.86 2.82
C ASN D 17 -2.44 -15.96 2.51
N ALA D 18 -1.31 -16.16 3.18
CA ALA D 18 -0.16 -15.28 2.95
C ALA D 18 0.32 -15.42 1.51
N GLY D 19 0.51 -14.30 0.84
CA GLY D 19 0.97 -14.32 -0.53
C GLY D 19 -0.11 -14.55 -1.57
N LYS D 20 -1.35 -14.78 -1.16
CA LYS D 20 -2.44 -14.81 -2.12
C LYS D 20 -2.72 -13.39 -2.61
N VAL D 21 -2.75 -13.19 -3.93
CA VAL D 21 -3.02 -11.90 -4.54
C VAL D 21 -4.43 -11.96 -5.12
N LEU D 22 -5.29 -11.02 -4.72
CA LEU D 22 -6.71 -11.15 -5.05
C LEU D 22 -7.07 -10.56 -6.41
N LEU D 23 -6.38 -9.51 -6.85
CA LEU D 23 -6.75 -8.76 -8.05
C LEU D 23 -5.50 -8.36 -8.83
N PRO D 24 -5.64 -8.16 -10.14
CA PRO D 24 -4.52 -7.59 -10.91
C PRO D 24 -4.29 -6.15 -10.49
N THR D 25 -3.05 -5.71 -10.66
CA THR D 25 -2.67 -4.37 -10.24
C THR D 25 -3.28 -3.33 -11.18
N PRO D 26 -3.90 -2.26 -10.64
CA PRO D 26 -4.48 -1.23 -11.52
C PRO D 26 -3.42 -0.58 -12.41
#